data_7ZSD
#
_entry.id   7ZSD
#
_cell.length_a   1.00
_cell.length_b   1.00
_cell.length_c   1.00
_cell.angle_alpha   90.00
_cell.angle_beta   90.00
_cell.angle_gamma   90.00
#
_symmetry.space_group_name_H-M   'P 1'
#
loop_
_entity.id
_entity.type
_entity.pdbx_description
1 polymer 'Spike glycoprotein'
2 polymer 'de novo designed binder'
3 branched 2-acetamido-2-deoxy-beta-D-glucopyranose-(1-4)-2-acetamido-2-deoxy-beta-D-glucopyranose
#
loop_
_entity_poly.entity_id
_entity_poly.type
_entity_poly.pdbx_seq_one_letter_code
_entity_poly.pdbx_strand_id
1 'polypeptide(L)'
;ITNLCPFDEVFNATRFASVYAWNRKRISNCVADYSVLYNLAPFFTFKCYGVSPTKLNDLCFTNVYADSFVIRGDEVRQIA
PGQTGNIADYNYKLPDDFTGCVIAWNSNKLDSKVSGNYNYLYRLFRKSNLKPFERDISTEIYQAGNKPCNGVAGFNCYFP
LRSYSFRPTYGVGHQPYRVVVLSFELLHAPATVCGP
;
M
2 'polypeptide(L)' ETGASSTNMLEALQQRLQFYHGQVARAALENNSGKARRFGRIVKQYEDAIKLYKAGKPVPYDELPVPPGFGGSENLYFQ P
#
loop_
_chem_comp.id
_chem_comp.type
_chem_comp.name
_chem_comp.formula
NAG D-saccharide, beta linking 2-acetamido-2-deoxy-beta-D-glucopyranose 'C8 H15 N O6'
#
# COMPACT_ATOMS: atom_id res chain seq x y z
N ILE A 1 -13.73 4.38 33.51
CA ILE A 1 -13.83 3.28 32.56
C ILE A 1 -12.67 2.31 32.75
N THR A 2 -12.94 1.02 32.56
CA THR A 2 -11.93 -0.01 32.76
C THR A 2 -11.79 -0.99 31.60
N ASN A 3 -12.69 -0.97 30.63
CA ASN A 3 -12.58 -1.89 29.50
C ASN A 3 -11.36 -1.57 28.64
N LEU A 4 -10.69 -2.62 28.19
CA LEU A 4 -9.44 -2.47 27.46
C LEU A 4 -9.71 -2.06 26.01
N CYS A 5 -8.77 -1.29 25.46
CA CYS A 5 -8.89 -0.87 24.08
C CYS A 5 -8.65 -2.03 23.12
N PRO A 6 -9.31 -2.04 21.95
CA PRO A 6 -9.18 -3.14 20.98
C PRO A 6 -7.94 -3.06 20.11
N PHE A 7 -6.78 -2.86 20.74
CA PHE A 7 -5.53 -2.87 20.00
C PHE A 7 -5.18 -4.27 19.51
N ASP A 8 -5.50 -5.29 20.30
CA ASP A 8 -5.23 -6.67 19.86
C ASP A 8 -6.02 -7.01 18.61
N GLU A 9 -7.27 -6.51 18.51
CA GLU A 9 -8.09 -6.80 17.35
C GLU A 9 -7.48 -6.20 16.07
N VAL A 10 -6.96 -4.98 16.16
CA VAL A 10 -6.44 -4.33 14.97
C VAL A 10 -5.03 -4.83 14.64
N PHE A 11 -4.25 -5.23 15.65
CA PHE A 11 -2.93 -5.77 15.39
C PHE A 11 -2.95 -7.26 15.02
N ASN A 12 -4.06 -7.95 15.26
CA ASN A 12 -4.18 -9.37 14.93
C ASN A 12 -5.17 -9.64 13.82
N ALA A 13 -5.47 -8.63 13.00
CA ALA A 13 -6.42 -8.81 11.91
C ALA A 13 -5.87 -9.80 10.89
N THR A 14 -6.77 -10.62 10.33
CA THR A 14 -6.34 -11.63 9.38
C THR A 14 -5.75 -11.01 8.12
N ARG A 15 -6.38 -9.96 7.61
CA ARG A 15 -5.89 -9.25 6.43
C ARG A 15 -6.09 -7.76 6.61
N PHE A 16 -5.06 -6.98 6.28
CA PHE A 16 -5.14 -5.54 6.37
C PHE A 16 -5.66 -4.95 5.07
N ALA A 17 -6.34 -3.81 5.18
CA ALA A 17 -6.87 -3.14 4.01
C ALA A 17 -5.74 -2.63 3.13
N SER A 18 -6.01 -2.55 1.83
CA SER A 18 -5.02 -2.04 0.88
C SER A 18 -4.72 -0.57 1.18
N VAL A 19 -3.50 -0.16 0.85
CA VAL A 19 -3.05 1.18 1.25
C VAL A 19 -3.85 2.27 0.55
N TYR A 20 -4.27 2.05 -0.70
CA TYR A 20 -5.09 3.04 -1.37
C TYR A 20 -6.44 3.22 -0.69
N ALA A 21 -6.92 2.21 0.03
CA ALA A 21 -8.16 2.29 0.78
C ALA A 21 -7.89 2.02 2.26
N TRP A 22 -6.89 2.67 2.82
CA TRP A 22 -6.41 2.35 4.15
C TRP A 22 -7.53 2.42 5.18
N ASN A 23 -7.63 1.38 5.99
CA ASN A 23 -8.69 1.29 6.99
C ASN A 23 -8.47 2.32 8.10
N ARG A 24 -9.55 2.98 8.50
CA ARG A 24 -9.54 3.93 9.60
C ARG A 24 -10.41 3.39 10.73
N LYS A 25 -9.84 3.26 11.91
CA LYS A 25 -10.52 2.68 13.05
C LYS A 25 -10.57 3.69 14.20
N ARG A 26 -11.71 3.76 14.87
CA ARG A 26 -11.91 4.66 16.00
C ARG A 26 -11.66 3.91 17.29
N ILE A 27 -10.85 4.49 18.16
CA ILE A 27 -10.57 3.94 19.49
C ILE A 27 -11.00 4.98 20.51
N SER A 28 -12.01 4.64 21.31
CA SER A 28 -12.55 5.57 22.28
C SER A 28 -13.20 4.80 23.42
N ASN A 29 -13.37 5.49 24.54
CA ASN A 29 -14.05 4.94 25.72
C ASN A 29 -13.40 3.63 26.19
N CYS A 30 -12.08 3.63 26.24
CA CYS A 30 -11.34 2.46 26.70
C CYS A 30 -9.98 2.90 27.22
N VAL A 31 -9.38 2.02 28.01
CA VAL A 31 -8.03 2.23 28.54
C VAL A 31 -7.04 1.59 27.59
N ALA A 32 -6.01 2.34 27.21
CA ALA A 32 -5.03 1.91 26.21
C ALA A 32 -3.73 1.56 26.91
N ASP A 33 -3.43 0.27 27.00
CA ASP A 33 -2.17 -0.22 27.52
C ASP A 33 -1.26 -0.55 26.35
N TYR A 34 -0.26 0.30 26.12
CA TYR A 34 0.66 0.13 25.00
C TYR A 34 1.83 -0.79 25.33
N SER A 35 1.94 -1.25 26.58
CA SER A 35 3.01 -2.18 26.93
C SER A 35 2.89 -3.49 26.17
N VAL A 36 1.70 -3.79 25.64
CA VAL A 36 1.53 -4.99 24.82
C VAL A 36 2.43 -4.94 23.59
N LEU A 37 2.52 -3.78 22.95
CA LEU A 37 3.34 -3.65 21.75
C LEU A 37 4.81 -3.89 22.06
N TYR A 38 5.31 -3.38 23.19
CA TYR A 38 6.71 -3.58 23.54
C TYR A 38 6.97 -5.03 23.93
N ASN A 39 6.11 -5.59 24.79
CA ASN A 39 6.33 -6.96 25.26
C ASN A 39 6.23 -7.97 24.13
N LEU A 40 5.20 -7.84 23.28
CA LEU A 40 5.02 -8.74 22.16
C LEU A 40 5.68 -8.12 20.92
N ALA A 41 5.40 -8.70 19.74
CA ALA A 41 5.95 -8.23 18.47
C ALA A 41 7.46 -8.14 18.53
N PRO A 42 8.17 -9.27 18.48
CA PRO A 42 9.65 -9.22 18.61
C PRO A 42 10.33 -8.33 17.57
N PHE A 43 9.80 -8.29 16.35
CA PHE A 43 10.33 -7.43 15.29
C PHE A 43 9.33 -6.30 15.05
N PHE A 44 9.80 -5.07 15.16
CA PHE A 44 8.93 -3.91 15.00
C PHE A 44 9.78 -2.69 14.72
N THR A 45 9.12 -1.64 14.23
CA THR A 45 9.71 -0.32 14.03
C THR A 45 8.72 0.67 14.64
N PHE A 46 8.89 0.97 15.92
CA PHE A 46 7.91 1.74 16.69
C PHE A 46 8.27 3.22 16.75
N LYS A 47 9.30 3.64 16.00
CA LYS A 47 9.72 5.03 15.96
C LYS A 47 8.53 5.97 15.79
N CYS A 48 8.29 6.78 16.81
CA CYS A 48 7.07 7.56 16.92
C CYS A 48 7.38 9.05 16.89
N TYR A 49 6.34 9.85 16.64
CA TYR A 49 6.48 11.28 16.42
C TYR A 49 5.63 12.05 17.42
N GLY A 50 6.24 13.05 18.05
CA GLY A 50 5.54 13.97 18.92
C GLY A 50 5.39 13.53 20.37
N VAL A 51 5.84 12.33 20.71
CA VAL A 51 5.72 11.84 22.08
C VAL A 51 6.66 10.66 22.26
N SER A 52 7.32 10.60 23.42
CA SER A 52 8.18 9.48 23.74
C SER A 52 7.35 8.27 24.12
N PRO A 53 7.75 7.06 23.71
CA PRO A 53 6.92 5.86 23.97
C PRO A 53 6.64 5.64 25.45
N THR A 54 7.62 5.81 26.32
CA THR A 54 7.37 5.65 27.76
C THR A 54 6.43 6.73 28.27
N LYS A 55 6.73 7.99 27.94
CA LYS A 55 5.80 9.06 28.25
C LYS A 55 4.45 8.81 27.60
N LEU A 56 4.43 8.19 26.41
CA LEU A 56 3.17 7.85 25.76
C LEU A 56 2.34 6.90 26.63
N ASN A 57 2.99 5.87 27.18
CA ASN A 57 2.30 5.03 28.15
C ASN A 57 1.90 5.84 29.38
N ASP A 58 2.59 6.95 29.64
CA ASP A 58 2.30 7.75 30.83
C ASP A 58 1.06 8.62 30.65
N LEU A 59 1.03 9.48 29.63
CA LEU A 59 0.07 10.58 29.64
C LEU A 59 -1.31 10.07 29.22
N CYS A 60 -2.23 11.01 29.00
CA CYS A 60 -3.63 10.73 28.72
C CYS A 60 -4.02 11.37 27.40
N PHE A 61 -4.57 10.57 26.49
CA PHE A 61 -4.99 11.04 25.18
C PHE A 61 -6.49 11.34 25.18
N THR A 62 -6.97 11.85 24.04
CA THR A 62 -8.40 12.09 23.88
C THR A 62 -8.95 11.65 22.53
N ASN A 63 -8.13 11.29 21.56
CA ASN A 63 -8.62 10.87 20.26
C ASN A 63 -7.56 9.99 19.60
N VAL A 64 -7.85 8.70 19.49
CA VAL A 64 -6.92 7.74 18.91
C VAL A 64 -7.55 7.16 17.65
N TYR A 65 -6.87 7.33 16.52
CA TYR A 65 -7.28 6.78 15.24
C TYR A 65 -6.20 5.83 14.74
N ALA A 66 -6.58 4.62 14.38
CA ALA A 66 -5.63 3.61 13.91
C ALA A 66 -5.82 3.41 12.41
N ASP A 67 -4.74 3.64 11.66
CA ASP A 67 -4.72 3.43 10.22
C ASP A 67 -3.85 2.24 9.90
N SER A 68 -4.37 1.29 9.12
CA SER A 68 -3.67 0.06 8.84
C SER A 68 -3.61 -0.17 7.33
N PHE A 69 -2.45 -0.63 6.87
CA PHE A 69 -2.24 -0.92 5.46
C PHE A 69 -0.97 -1.77 5.34
N VAL A 70 -0.64 -2.14 4.11
CA VAL A 70 0.52 -2.98 3.81
C VAL A 70 1.42 -2.25 2.84
N ILE A 71 2.70 -2.14 3.20
CA ILE A 71 3.69 -1.42 2.42
C ILE A 71 4.93 -2.30 2.26
N ARG A 72 5.57 -2.22 1.09
CA ARG A 72 6.82 -2.92 0.89
C ARG A 72 7.90 -2.37 1.82
N GLY A 73 8.83 -3.24 2.20
CA GLY A 73 9.85 -2.86 3.17
C GLY A 73 10.77 -1.76 2.70
N ASP A 74 11.09 -1.74 1.40
CA ASP A 74 12.04 -0.74 0.89
C ASP A 74 11.45 0.67 0.96
N GLU A 75 10.13 0.80 0.84
CA GLU A 75 9.47 2.10 0.82
C GLU A 75 8.67 2.36 2.10
N VAL A 76 8.95 1.62 3.17
CA VAL A 76 8.31 1.90 4.45
C VAL A 76 8.77 3.22 5.03
N ARG A 77 9.94 3.72 4.60
CA ARG A 77 10.44 5.01 5.07
C ARG A 77 9.62 6.19 4.59
N GLN A 78 8.74 5.99 3.61
CA GLN A 78 7.94 7.09 3.07
C GLN A 78 6.84 7.54 4.02
N ILE A 79 6.58 6.81 5.09
CA ILE A 79 5.51 7.15 6.03
C ILE A 79 6.14 8.09 7.06
N ALA A 80 6.02 9.39 6.79
CA ALA A 80 6.57 10.44 7.64
C ALA A 80 6.08 11.80 7.17
N PRO A 81 5.91 12.77 8.07
CA PRO A 81 5.53 14.12 7.65
C PRO A 81 6.57 14.73 6.73
N GLY A 82 6.10 15.47 5.74
CA GLY A 82 6.99 16.20 4.85
C GLY A 82 7.96 15.33 4.08
N GLN A 83 7.54 14.13 3.69
CA GLN A 83 8.38 13.23 2.91
C GLN A 83 7.65 12.82 1.65
N THR A 84 8.39 12.80 0.54
CA THR A 84 7.82 12.54 -0.77
C THR A 84 8.00 11.08 -1.17
N GLY A 85 7.34 10.70 -2.25
CA GLY A 85 7.36 9.34 -2.73
C GLY A 85 6.02 8.98 -3.32
N ASN A 86 6.01 7.84 -4.03
CA ASN A 86 4.77 7.38 -4.65
C ASN A 86 3.71 7.07 -3.60
N ILE A 87 4.10 6.36 -2.54
CA ILE A 87 3.15 6.03 -1.49
C ILE A 87 2.67 7.29 -0.78
N ALA A 88 3.60 8.16 -0.38
CA ALA A 88 3.22 9.36 0.35
C ALA A 88 2.36 10.28 -0.50
N ASP A 89 2.68 10.43 -1.78
CA ASP A 89 1.94 11.35 -2.63
C ASP A 89 0.59 10.79 -3.06
N TYR A 90 0.49 9.47 -3.25
CA TYR A 90 -0.68 8.89 -3.90
C TYR A 90 -1.59 8.11 -2.97
N ASN A 91 -1.05 7.33 -2.03
CA ASN A 91 -1.86 6.43 -1.21
C ASN A 91 -2.17 7.00 0.17
N TYR A 92 -1.14 7.32 0.96
CA TYR A 92 -1.32 7.81 2.31
C TYR A 92 -0.42 9.00 2.54
N LYS A 93 -1.00 10.09 3.04
CA LYS A 93 -0.25 11.32 3.28
C LYS A 93 -0.41 11.74 4.73
N LEU A 94 0.72 12.05 5.37
CA LEU A 94 0.73 12.50 6.75
C LEU A 94 1.01 13.99 6.80
N PRO A 95 0.27 14.76 7.59
CA PRO A 95 0.48 16.21 7.62
C PRO A 95 1.83 16.57 8.22
N ASP A 96 2.31 17.76 7.86
CA ASP A 96 3.62 18.21 8.33
C ASP A 96 3.68 18.22 9.86
N ASP A 97 2.63 18.70 10.50
CA ASP A 97 2.48 18.56 11.95
C ASP A 97 1.76 17.24 12.22
N PHE A 98 2.38 16.40 13.06
CA PHE A 98 1.84 15.08 13.32
C PHE A 98 2.21 14.66 14.73
N THR A 99 1.22 14.24 15.50
CA THR A 99 1.41 13.77 16.87
C THR A 99 0.83 12.36 16.93
N GLY A 100 1.65 11.37 16.61
CA GLY A 100 1.20 9.99 16.59
C GLY A 100 2.35 9.06 16.30
N CYS A 101 2.05 7.77 16.38
CA CYS A 101 3.06 6.72 16.26
C CYS A 101 2.87 5.95 14.96
N VAL A 102 3.96 5.32 14.52
CA VAL A 102 3.95 4.43 13.37
C VAL A 102 4.62 3.13 13.77
N ILE A 103 3.97 2.00 13.46
CA ILE A 103 4.48 0.68 13.76
C ILE A 103 4.54 -0.12 12.46
N ALA A 104 5.69 -0.71 12.18
CA ALA A 104 5.88 -1.49 10.96
C ALA A 104 6.64 -2.77 11.30
N TRP A 105 6.21 -3.88 10.71
CA TRP A 105 6.87 -5.16 10.89
C TRP A 105 6.63 -6.03 9.68
N ASN A 106 7.61 -6.88 9.36
CA ASN A 106 7.50 -7.74 8.19
C ASN A 106 6.40 -8.76 8.36
N SER A 107 5.76 -9.11 7.25
CA SER A 107 4.66 -10.07 7.25
C SER A 107 4.80 -11.05 6.08
N ASN A 108 6.02 -11.50 5.82
CA ASN A 108 6.22 -12.50 4.78
C ASN A 108 5.50 -13.80 5.11
N LYS A 109 5.56 -14.21 6.38
CA LYS A 109 4.88 -15.44 6.79
C LYS A 109 3.37 -15.32 6.64
N LEU A 110 2.82 -14.14 6.96
CA LEU A 110 1.37 -13.97 6.99
C LEU A 110 0.79 -13.53 5.65
N ASP A 111 1.51 -12.69 4.90
CA ASP A 111 0.94 -12.05 3.71
C ASP A 111 1.85 -12.28 2.50
N SER A 112 2.30 -13.52 2.31
CA SER A 112 3.04 -13.90 1.11
C SER A 112 2.79 -15.39 0.87
N LYS A 113 1.85 -15.69 -0.01
CA LYS A 113 1.58 -17.08 -0.37
C LYS A 113 2.76 -17.67 -1.14
N VAL A 114 2.92 -18.98 -1.04
CA VAL A 114 4.05 -19.65 -1.68
C VAL A 114 4.04 -19.40 -3.19
N SER A 115 2.87 -19.58 -3.81
CA SER A 115 2.74 -19.27 -5.23
C SER A 115 2.82 -17.77 -5.47
N GLY A 116 2.19 -16.97 -4.63
CA GLY A 116 2.20 -15.53 -4.75
C GLY A 116 0.96 -14.92 -4.15
N ASN A 117 1.08 -13.64 -3.77
CA ASN A 117 -0.02 -12.89 -3.19
C ASN A 117 -0.31 -11.67 -4.05
N TYR A 118 -1.60 -11.37 -4.24
CA TYR A 118 -2.00 -10.23 -5.05
C TYR A 118 -3.14 -9.43 -4.42
N ASN A 119 -3.55 -9.75 -3.20
CA ASN A 119 -4.70 -9.08 -2.60
C ASN A 119 -4.42 -7.59 -2.38
N TYR A 120 -3.21 -7.24 -1.97
CA TYR A 120 -2.88 -5.87 -1.62
C TYR A 120 -2.64 -5.03 -2.87
N LEU A 121 -3.11 -3.78 -2.82
CA LEU A 121 -3.13 -2.90 -3.98
C LEU A 121 -2.60 -1.53 -3.59
N TYR A 122 -2.10 -0.80 -4.58
CA TYR A 122 -1.63 0.56 -4.34
C TYR A 122 -1.74 1.36 -5.62
N ARG A 123 -1.78 2.68 -5.47
CA ARG A 123 -2.04 3.59 -6.58
C ARG A 123 -0.74 4.22 -7.08
N LEU A 124 -0.59 4.28 -8.40
CA LEU A 124 0.58 4.87 -9.04
C LEU A 124 0.28 6.13 -9.85
N PHE A 125 -0.89 6.22 -10.48
CA PHE A 125 -1.20 7.30 -11.40
C PHE A 125 -2.39 8.09 -10.89
N ARG A 126 -2.21 9.40 -10.73
CA ARG A 126 -3.30 10.31 -10.40
C ARG A 126 -2.86 11.72 -10.75
N LYS A 127 -3.85 12.61 -10.91
CA LYS A 127 -3.57 13.95 -11.39
C LYS A 127 -2.85 14.78 -10.34
N SER A 128 -3.32 14.76 -9.09
CA SER A 128 -2.78 15.61 -8.05
C SER A 128 -2.47 14.78 -6.82
N ASN A 129 -1.52 15.27 -6.03
CA ASN A 129 -1.12 14.58 -4.81
C ASN A 129 -2.23 14.65 -3.77
N LEU A 130 -2.23 13.66 -2.88
CA LEU A 130 -3.25 13.56 -1.84
C LEU A 130 -3.03 14.62 -0.77
N LYS A 131 -4.14 15.20 -0.30
CA LYS A 131 -4.09 16.06 0.86
C LYS A 131 -3.83 15.22 2.11
N PRO A 132 -3.26 15.83 3.15
CA PRO A 132 -2.94 15.05 4.36
C PRO A 132 -4.18 14.43 4.98
N PHE A 133 -4.03 13.19 5.44
CA PHE A 133 -5.11 12.45 6.12
C PHE A 133 -6.37 12.37 5.25
N GLU A 134 -6.18 12.15 3.95
CA GLU A 134 -7.29 12.05 3.01
C GLU A 134 -7.18 10.73 2.25
N ARG A 135 -8.33 10.12 1.97
CA ARG A 135 -8.40 8.82 1.33
C ARG A 135 -9.00 8.96 -0.06
N ASP A 136 -8.47 8.21 -1.01
CA ASP A 136 -8.95 8.21 -2.39
C ASP A 136 -9.12 6.76 -2.84
N ILE A 137 -10.37 6.35 -3.02
CA ILE A 137 -10.70 5.00 -3.45
C ILE A 137 -11.25 4.97 -4.87
N SER A 138 -11.16 6.08 -5.60
CA SER A 138 -11.66 6.12 -6.96
C SER A 138 -10.80 5.26 -7.87
N THR A 139 -11.44 4.56 -8.79
CA THR A 139 -10.76 3.69 -9.75
C THR A 139 -10.91 4.18 -11.19
N GLU A 140 -11.21 5.46 -11.37
CA GLU A 140 -11.37 6.02 -12.71
C GLU A 140 -10.06 5.97 -13.48
N ILE A 141 -10.17 5.76 -14.79
CA ILE A 141 -9.00 5.63 -15.64
C ILE A 141 -8.27 6.96 -15.72
N TYR A 142 -6.95 6.92 -15.53
CA TYR A 142 -6.15 8.13 -15.54
C TYR A 142 -6.10 8.75 -16.94
N GLN A 143 -6.04 10.08 -16.98
CA GLN A 143 -5.83 10.81 -18.23
C GLN A 143 -4.37 11.19 -18.35
N ALA A 144 -3.53 10.17 -18.55
CA ALA A 144 -2.09 10.38 -18.61
C ALA A 144 -1.70 11.21 -19.82
N GLY A 145 -2.28 10.93 -20.97
CA GLY A 145 -1.97 11.63 -22.21
C GLY A 145 -2.97 12.72 -22.53
N ASN A 146 -3.09 13.03 -23.82
CA ASN A 146 -4.03 14.03 -24.30
C ASN A 146 -5.23 13.41 -25.00
N LYS A 147 -5.45 12.11 -24.81
CA LYS A 147 -6.53 11.38 -25.49
C LYS A 147 -7.52 10.86 -24.46
N PRO A 148 -8.68 11.49 -24.31
CA PRO A 148 -9.73 10.92 -23.46
C PRO A 148 -10.17 9.56 -24.00
N CYS A 149 -10.39 8.63 -23.08
CA CYS A 149 -10.72 7.26 -23.46
C CYS A 149 -11.99 6.74 -22.83
N ASN A 150 -12.25 7.08 -21.56
CA ASN A 150 -13.39 6.61 -20.76
C ASN A 150 -13.31 5.12 -20.47
N GLY A 151 -12.28 4.42 -20.94
CA GLY A 151 -12.12 3.01 -20.66
C GLY A 151 -10.67 2.63 -20.78
N VAL A 152 -10.29 1.54 -20.11
CA VAL A 152 -8.91 1.10 -20.12
C VAL A 152 -8.48 0.72 -21.52
N ALA A 153 -7.30 1.16 -21.93
CA ALA A 153 -6.79 0.91 -23.26
C ALA A 153 -5.27 0.96 -23.24
N GLY A 154 -4.67 0.62 -24.38
CA GLY A 154 -3.21 0.58 -24.44
C GLY A 154 -2.58 1.94 -24.25
N PHE A 155 -3.10 2.96 -24.92
CA PHE A 155 -2.45 4.26 -24.96
C PHE A 155 -2.49 4.92 -23.58
N ASN A 156 -2.00 6.16 -23.52
CA ASN A 156 -1.69 6.78 -22.23
C ASN A 156 -2.95 7.08 -21.44
N CYS A 157 -3.67 6.03 -21.04
CA CYS A 157 -4.77 6.13 -20.08
C CYS A 157 -4.45 5.36 -18.81
N TYR A 158 -4.16 4.06 -18.91
CA TYR A 158 -3.64 3.24 -17.82
C TYR A 158 -4.62 3.07 -16.67
N PHE A 159 -4.36 2.10 -15.80
CA PHE A 159 -5.16 1.90 -14.60
C PHE A 159 -4.55 2.69 -13.44
N PRO A 160 -5.36 3.41 -12.66
CA PRO A 160 -4.78 4.28 -11.63
C PRO A 160 -4.03 3.55 -10.54
N LEU A 161 -4.32 2.27 -10.31
CA LEU A 161 -3.75 1.54 -9.19
C LEU A 161 -3.05 0.27 -9.68
N ARG A 162 -2.11 -0.19 -8.85
CA ARG A 162 -1.26 -1.33 -9.16
C ARG A 162 -1.35 -2.36 -8.04
N SER A 163 -1.05 -3.61 -8.38
CA SER A 163 -1.12 -4.71 -7.44
C SER A 163 0.28 -5.19 -7.09
N TYR A 164 0.48 -5.53 -5.82
CA TYR A 164 1.73 -6.14 -5.41
C TYR A 164 1.75 -7.63 -5.80
N SER A 165 2.94 -8.21 -5.79
CA SER A 165 3.13 -9.61 -6.14
C SER A 165 4.03 -10.28 -5.11
N PHE A 166 3.72 -10.09 -3.83
CA PHE A 166 4.54 -10.60 -2.75
C PHE A 166 4.73 -12.10 -2.85
N ARG A 167 5.98 -12.54 -2.72
CA ARG A 167 6.33 -13.95 -2.66
C ARG A 167 7.42 -14.14 -1.63
N PRO A 168 7.47 -15.31 -0.98
CA PRO A 168 8.54 -15.54 0.01
C PRO A 168 9.93 -15.49 -0.58
N THR A 169 10.06 -15.76 -1.88
CA THR A 169 11.39 -15.75 -2.50
C THR A 169 12.01 -14.36 -2.49
N TYR A 170 11.19 -13.31 -2.49
CA TYR A 170 11.69 -11.95 -2.53
C TYR A 170 12.53 -11.64 -1.28
N GLY A 171 13.48 -10.72 -1.46
CA GLY A 171 14.31 -10.29 -0.36
C GLY A 171 13.56 -9.42 0.62
N VAL A 172 14.27 -9.04 1.68
CA VAL A 172 13.66 -8.26 2.77
C VAL A 172 13.16 -6.93 2.25
N GLY A 173 13.80 -6.37 1.22
CA GLY A 173 13.36 -5.09 0.68
C GLY A 173 11.98 -5.16 0.05
N HIS A 174 11.72 -6.20 -0.74
CA HIS A 174 10.45 -6.35 -1.42
C HIS A 174 9.41 -7.06 -0.57
N GLN A 175 9.79 -7.62 0.58
CA GLN A 175 8.84 -8.34 1.41
C GLN A 175 7.78 -7.39 1.97
N PRO A 176 6.54 -7.86 2.14
CA PRO A 176 5.49 -6.99 2.68
C PRO A 176 5.70 -6.71 4.16
N TYR A 177 5.42 -5.47 4.55
CA TYR A 177 5.53 -5.05 5.94
C TYR A 177 4.18 -4.50 6.39
N ARG A 178 3.60 -5.11 7.41
CA ARG A 178 2.33 -4.63 7.95
C ARG A 178 2.56 -3.35 8.73
N VAL A 179 1.92 -2.27 8.30
CA VAL A 179 2.14 -0.94 8.86
C VAL A 179 0.82 -0.47 9.48
N VAL A 180 0.89 -0.03 10.73
CA VAL A 180 -0.25 0.56 11.42
C VAL A 180 0.17 1.93 11.96
N VAL A 181 -0.69 2.92 11.78
CA VAL A 181 -0.39 4.30 12.16
C VAL A 181 -1.41 4.75 13.19
N LEU A 182 -0.91 5.22 14.33
CA LEU A 182 -1.75 5.78 15.38
C LEU A 182 -1.67 7.30 15.35
N SER A 183 -2.80 7.95 15.57
CA SER A 183 -2.88 9.41 15.57
C SER A 183 -3.42 9.88 16.91
N PHE A 184 -2.79 10.91 17.48
CA PHE A 184 -3.18 11.45 18.77
C PHE A 184 -3.35 12.96 18.68
N GLU A 185 -4.15 13.49 19.61
CA GLU A 185 -4.21 14.93 19.88
C GLU A 185 -4.25 15.09 21.39
N LEU A 186 -3.25 15.76 21.95
CA LEU A 186 -3.03 15.77 23.39
C LEU A 186 -3.61 17.01 24.07
N LEU A 187 -4.66 17.60 23.50
CA LEU A 187 -5.32 18.71 24.17
C LEU A 187 -6.17 18.24 25.34
N HIS A 188 -6.68 17.00 25.28
CA HIS A 188 -7.23 16.26 26.41
C HIS A 188 -8.51 16.89 26.99
N ALA A 189 -9.19 17.76 26.24
CA ALA A 189 -10.40 18.38 26.77
C ALA A 189 -11.50 17.37 27.09
N PRO A 190 -11.91 16.46 26.18
CA PRO A 190 -12.88 15.43 26.59
C PRO A 190 -12.23 14.21 27.22
N ALA A 191 -11.01 13.88 26.79
CA ALA A 191 -10.21 12.80 27.37
C ALA A 191 -10.99 11.48 27.43
N THR A 192 -11.33 10.96 26.26
CA THR A 192 -12.18 9.78 26.17
C THR A 192 -11.41 8.49 25.91
N VAL A 193 -10.12 8.56 25.58
CA VAL A 193 -9.34 7.36 25.27
C VAL A 193 -8.18 7.30 26.26
N CYS A 194 -8.42 7.75 27.48
CA CYS A 194 -7.36 7.93 28.45
C CYS A 194 -6.70 6.60 28.80
N GLY A 195 -5.40 6.65 29.08
CA GLY A 195 -4.64 5.47 29.42
C GLY A 195 -4.82 5.08 30.88
N PRO A 196 -4.02 4.12 31.34
CA PRO A 196 -4.09 3.62 32.73
C PRO A 196 -3.45 4.57 33.72
N THR B 7 7.82 4.94 -33.60
CA THR B 7 7.44 4.50 -32.26
C THR B 7 8.25 3.28 -31.83
N ASN B 8 8.92 2.66 -32.81
CA ASN B 8 9.77 1.49 -32.62
C ASN B 8 9.17 0.49 -31.63
N MET B 9 10.00 -0.04 -30.73
CA MET B 9 9.60 -1.14 -29.86
C MET B 9 9.52 -0.77 -28.39
N LEU B 10 10.36 0.14 -27.90
CA LEU B 10 10.47 0.38 -26.46
C LEU B 10 9.18 0.95 -25.89
N GLU B 11 8.65 2.00 -26.52
CA GLU B 11 7.41 2.60 -26.03
C GLU B 11 6.25 1.61 -26.10
N ALA B 12 6.18 0.83 -27.18
CA ALA B 12 5.13 -0.18 -27.28
C ALA B 12 5.25 -1.22 -26.19
N LEU B 13 6.48 -1.66 -25.89
CA LEU B 13 6.68 -2.66 -24.86
C LEU B 13 6.28 -2.13 -23.49
N GLN B 14 6.69 -0.90 -23.16
CA GLN B 14 6.27 -0.32 -21.89
C GLN B 14 4.77 -0.08 -21.84
N GLN B 15 4.16 0.24 -22.98
CA GLN B 15 2.72 0.42 -23.05
C GLN B 15 1.98 -0.88 -22.72
N ARG B 16 2.41 -1.98 -23.36
CA ARG B 16 1.80 -3.28 -23.08
C ARG B 16 2.06 -3.69 -21.64
N LEU B 17 3.26 -3.42 -21.13
CA LEU B 17 3.59 -3.74 -19.74
C LEU B 17 2.66 -3.02 -18.78
N GLN B 18 2.43 -1.72 -19.01
CA GLN B 18 1.55 -0.96 -18.13
C GLN B 18 0.11 -1.44 -18.24
N PHE B 19 -0.36 -1.73 -19.46
CA PHE B 19 -1.73 -2.19 -19.62
C PHE B 19 -1.95 -3.52 -18.91
N TYR B 20 -0.99 -4.44 -19.01
CA TYR B 20 -1.15 -5.72 -18.35
C TYR B 20 -0.94 -5.62 -16.84
N HIS B 21 -0.14 -4.66 -16.37
CA HIS B 21 -0.10 -4.40 -14.94
C HIS B 21 -1.46 -3.92 -14.45
N GLY B 22 -2.10 -3.02 -15.20
CA GLY B 22 -3.44 -2.60 -14.85
C GLY B 22 -4.43 -3.73 -14.86
N GLN B 23 -4.29 -4.65 -15.83
CA GLN B 23 -5.16 -5.82 -15.88
C GLN B 23 -4.95 -6.72 -14.67
N VAL B 24 -3.68 -6.91 -14.26
CA VAL B 24 -3.40 -7.70 -13.06
C VAL B 24 -4.04 -7.05 -11.84
N ALA B 25 -3.91 -5.73 -11.72
CA ALA B 25 -4.51 -5.03 -10.59
C ALA B 25 -6.02 -5.17 -10.58
N ARG B 26 -6.65 -5.04 -11.75
CA ARG B 26 -8.11 -5.19 -11.82
C ARG B 26 -8.53 -6.61 -11.45
N ALA B 27 -7.80 -7.62 -11.94
CA ALA B 27 -8.13 -9.00 -11.61
C ALA B 27 -8.00 -9.25 -10.10
N ALA B 28 -6.95 -8.68 -9.50
CA ALA B 28 -6.80 -8.80 -8.04
C ALA B 28 -7.94 -8.11 -7.32
N LEU B 29 -8.35 -6.94 -7.81
CA LEU B 29 -9.46 -6.21 -7.19
C LEU B 29 -10.77 -6.96 -7.31
N GLU B 30 -10.93 -7.77 -8.36
CA GLU B 30 -12.14 -8.56 -8.54
C GLU B 30 -12.09 -9.88 -7.80
N ASN B 31 -11.03 -10.14 -7.03
CA ASN B 31 -10.86 -11.34 -6.22
C ASN B 31 -10.75 -12.61 -7.06
N ASN B 32 -10.50 -12.48 -8.35
CA ASN B 32 -10.31 -13.64 -9.21
C ASN B 32 -8.86 -14.14 -9.06
N SER B 33 -8.70 -15.42 -8.74
CA SER B 33 -7.38 -15.96 -8.48
C SER B 33 -6.68 -16.38 -9.76
N GLY B 34 -7.30 -17.30 -10.52
CA GLY B 34 -6.64 -17.83 -11.71
C GLY B 34 -6.39 -16.77 -12.76
N LYS B 35 -7.34 -15.87 -12.95
CA LYS B 35 -7.14 -14.77 -13.90
C LYS B 35 -5.95 -13.90 -13.50
N ALA B 36 -5.85 -13.58 -12.20
CA ALA B 36 -4.72 -12.80 -11.72
C ALA B 36 -3.41 -13.53 -11.93
N ARG B 37 -3.39 -14.84 -11.66
CA ARG B 37 -2.16 -15.61 -11.83
C ARG B 37 -1.72 -15.63 -13.30
N ARG B 38 -2.67 -15.88 -14.21
CA ARG B 38 -2.32 -15.91 -15.63
C ARG B 38 -1.86 -14.55 -16.13
N PHE B 39 -2.54 -13.48 -15.70
CA PHE B 39 -2.11 -12.15 -16.09
C PHE B 39 -0.71 -11.84 -15.55
N GLY B 40 -0.43 -12.26 -14.30
CA GLY B 40 0.90 -12.07 -13.77
C GLY B 40 1.96 -12.84 -14.52
N ARG B 41 1.64 -14.05 -14.96
CA ARG B 41 2.57 -14.80 -15.80
C ARG B 41 2.83 -14.07 -17.12
N ILE B 42 1.77 -13.52 -17.73
CA ILE B 42 1.95 -12.75 -18.96
C ILE B 42 2.86 -11.55 -18.70
N VAL B 43 2.68 -10.88 -17.57
CA VAL B 43 3.56 -9.78 -17.20
C VAL B 43 4.99 -10.26 -17.02
N LYS B 44 5.16 -11.47 -16.49
CA LYS B 44 6.50 -12.03 -16.33
C LYS B 44 7.19 -12.21 -17.66
N GLN B 45 6.50 -12.82 -18.63
CA GLN B 45 7.09 -12.96 -19.96
C GLN B 45 7.33 -11.60 -20.62
N TYR B 46 6.44 -10.63 -20.39
CA TYR B 46 6.64 -9.32 -21.01
C TYR B 46 7.84 -8.58 -20.41
N GLU B 47 8.05 -8.70 -19.09
CA GLU B 47 9.23 -8.06 -18.51
C GLU B 47 10.50 -8.79 -18.94
N ASP B 48 10.44 -10.11 -19.11
CA ASP B 48 11.58 -10.82 -19.67
C ASP B 48 11.88 -10.33 -21.09
N ALA B 49 10.84 -10.13 -21.90
CA ALA B 49 11.03 -9.68 -23.27
C ALA B 49 11.60 -8.26 -23.31
N ILE B 50 11.12 -7.37 -22.45
CA ILE B 50 11.66 -6.01 -22.46
C ILE B 50 13.10 -5.99 -21.95
N LYS B 51 13.42 -6.86 -20.98
CA LYS B 51 14.82 -6.99 -20.55
C LYS B 51 15.70 -7.48 -21.69
N LEU B 52 15.21 -8.46 -22.46
CA LEU B 52 15.96 -8.97 -23.59
C LEU B 52 16.17 -7.90 -24.65
N TYR B 53 15.13 -7.13 -24.95
CA TYR B 53 15.26 -6.07 -25.96
C TYR B 53 16.21 -4.98 -25.49
N LYS B 54 16.15 -4.63 -24.20
CA LYS B 54 17.10 -3.64 -23.69
C LYS B 54 18.53 -4.16 -23.77
N ALA B 55 18.72 -5.46 -23.60
CA ALA B 55 20.03 -6.07 -23.77
C ALA B 55 20.46 -6.14 -25.24
N GLY B 56 19.57 -5.83 -26.17
CA GLY B 56 19.89 -5.82 -27.58
C GLY B 56 19.38 -7.02 -28.37
N LYS B 57 18.94 -8.07 -27.70
CA LYS B 57 18.43 -9.24 -28.39
C LYS B 57 17.13 -8.89 -29.14
N PRO B 58 16.88 -9.55 -30.27
CA PRO B 58 15.67 -9.22 -31.05
C PRO B 58 14.39 -9.53 -30.28
N VAL B 59 13.37 -8.74 -30.57
CA VAL B 59 12.05 -8.89 -29.94
C VAL B 59 11.15 -9.66 -30.89
N PRO B 60 10.37 -10.63 -30.41
CA PRO B 60 9.46 -11.37 -31.30
C PRO B 60 8.07 -10.76 -31.35
N TYR B 61 7.24 -11.26 -32.26
CA TYR B 61 5.85 -10.83 -32.39
C TYR B 61 4.88 -11.91 -31.95
N ASP B 62 4.93 -13.09 -32.58
CA ASP B 62 3.97 -14.14 -32.29
C ASP B 62 4.26 -14.88 -30.99
N GLU B 63 5.53 -14.92 -30.57
CA GLU B 63 5.88 -15.64 -29.34
C GLU B 63 5.17 -15.04 -28.14
N LEU B 64 5.18 -13.72 -28.03
CA LEU B 64 4.44 -13.02 -26.99
C LEU B 64 2.95 -13.00 -27.31
N PRO B 65 2.09 -12.98 -26.29
CA PRO B 65 0.65 -12.91 -26.55
C PRO B 65 0.29 -11.59 -27.22
N VAL B 66 -0.74 -11.65 -28.07
CA VAL B 66 -1.11 -10.47 -28.86
C VAL B 66 -1.64 -9.39 -27.93
N PRO B 67 -1.45 -8.11 -28.23
CA PRO B 67 -1.97 -7.06 -27.37
C PRO B 67 -3.42 -6.76 -27.67
N PRO B 68 -4.10 -5.98 -26.82
CA PRO B 68 -5.47 -5.55 -27.15
C PRO B 68 -5.50 -4.52 -28.26
N GLY B 69 -6.66 -3.94 -28.51
CA GLY B 69 -6.79 -2.97 -29.59
C GLY B 69 -6.10 -1.65 -29.28
N PHE B 70 -4.77 -1.68 -29.24
CA PHE B 70 -3.99 -0.50 -28.92
C PHE B 70 -4.15 0.57 -30.00
N GLY B 71 -4.06 1.83 -29.58
CA GLY B 71 -4.15 2.95 -30.50
C GLY B 71 -3.01 3.94 -30.32
C1 NAG C . -2.71 -11.42 19.24
C2 NAG C . -1.44 -12.12 18.79
C3 NAG C . -0.31 -11.89 19.81
C4 NAG C . -0.85 -11.68 21.22
C5 NAG C . -1.88 -10.55 21.27
C6 NAG C . -1.33 -9.26 21.83
C7 NAG C . -0.96 -14.30 17.76
C8 NAG C . -1.33 -15.74 17.69
N2 NAG C . -1.67 -13.55 18.60
O3 NAG C . 0.46 -10.77 19.41
O4 NAG C . -1.45 -12.88 21.69
O5 NAG C . -2.37 -10.25 19.96
O6 NAG C . -1.72 -8.14 21.05
O7 NAG C . -0.05 -13.83 17.08
C1 NAG C . -0.99 -13.23 23.02
C2 NAG C . 0.42 -13.81 22.92
C3 NAG C . 0.95 -14.17 24.30
C4 NAG C . 0.85 -12.97 25.24
C5 NAG C . -0.58 -12.42 25.24
C6 NAG C . -0.72 -11.15 26.06
C7 NAG C . 1.51 -15.34 21.34
C8 NAG C . 1.36 -16.57 20.50
N2 NAG C . 0.44 -14.98 22.05
O3 NAG C . 2.30 -14.59 24.21
O4 NAG C . 1.20 -13.35 26.57
O5 NAG C . -0.98 -12.09 23.90
O6 NAG C . -2.08 -10.77 26.20
O7 NAG C . 2.57 -14.72 21.38
#